data_7YV4
#
_entry.id   7YV4
#
_cell.length_a   47.054
_cell.length_b   63.873
_cell.length_c   77.161
_cell.angle_alpha   90.000
_cell.angle_beta   90.000
_cell.angle_gamma   90.000
#
_symmetry.space_group_name_H-M   'P 21 21 21'
#
loop_
_entity.id
_entity.type
_entity.pdbx_description
1 polymer 'Ubiquitin carboxyl-terminal hydrolase isozyme L3'
2 non-polymer (2~{S})-2-(4-hydroxyphenyl)-6,8-dimethyl-5,7-bis(oxidanyl)-2,3-dihydrochromen-4-one
3 water water
#
_entity_poly.entity_id   1
_entity_poly.type   'polypeptide(L)'
_entity_poly.pdbx_seq_one_letter_code
;MEGQRWLPLEANPEVTNQFLKQLGLHPNWQFVDVYGMDPELLSMVPRPVCAVLLLFPITEKYEVFRTEEEEKIKSQGQDV
TSSVYFMKQTISNACGTIGLIHAIANNKDKMHFESGSTLKKFLEESVSMSPEERARYLENYDAIRVTHETSAHEGQTEAP
SIDEKVDLHFIALVHVDGHLYELDGRKPFPINHGETSDETLLEDAIEVCKKFMERDPDELRFNAIALSAA
;
_entity_poly.pdbx_strand_id   A
#
# COMPACT_ATOMS: atom_id res chain seq x y z
N TRP A 6 1.07 -13.65 9.17
CA TRP A 6 0.86 -12.52 8.24
C TRP A 6 -0.63 -12.17 8.13
N LEU A 7 -0.92 -10.95 7.67
CA LEU A 7 -2.30 -10.55 7.51
C LEU A 7 -2.97 -11.51 6.51
N PRO A 8 -4.16 -12.01 6.80
CA PRO A 8 -4.84 -12.90 5.82
C PRO A 8 -5.09 -12.19 4.50
N LEU A 9 -5.11 -12.98 3.42
CA LEU A 9 -5.26 -12.44 2.06
C LEU A 9 -6.74 -12.23 1.74
N GLU A 10 -7.31 -11.26 2.45
CA GLU A 10 -8.69 -10.85 2.17
C GLU A 10 -8.83 -9.40 2.56
N ALA A 11 -9.76 -8.72 1.90
CA ALA A 11 -9.99 -7.29 2.17
C ALA A 11 -10.92 -7.18 3.37
N ASN A 12 -10.37 -7.07 4.58
CA ASN A 12 -11.21 -7.14 5.77
C ASN A 12 -10.81 -6.04 6.73
N PRO A 13 -11.55 -4.92 6.74
CA PRO A 13 -11.18 -3.80 7.62
C PRO A 13 -11.14 -4.16 9.09
N GLU A 14 -12.04 -4.99 9.59
CA GLU A 14 -12.06 -5.24 11.04
C GLU A 14 -10.76 -5.92 11.46
N VAL A 15 -10.31 -6.91 10.68
CA VAL A 15 -9.08 -7.60 11.03
C VAL A 15 -7.87 -6.68 10.90
N THR A 16 -7.85 -5.86 9.84
CA THR A 16 -6.71 -4.99 9.60
C THR A 16 -6.61 -3.92 10.69
N ASN A 17 -7.76 -3.41 11.12
CA ASN A 17 -7.76 -2.42 12.20
C ASN A 17 -7.35 -3.04 13.51
N GLN A 18 -7.73 -4.31 13.76
CA GLN A 18 -7.23 -4.97 14.96
C GLN A 18 -5.69 -5.06 14.91
N PHE A 19 -5.15 -5.32 13.72
CA PHE A 19 -3.71 -5.39 13.55
C PHE A 19 -3.07 -4.04 13.81
N LEU A 20 -3.66 -2.97 13.30
CA LEU A 20 -3.13 -1.64 13.56
C LEU A 20 -3.05 -1.37 15.07
N LYS A 21 -4.11 -1.74 15.82
CA LYS A 21 -4.10 -1.55 17.27
C LYS A 21 -2.97 -2.36 17.91
N GLN A 22 -2.80 -3.60 17.47
CA GLN A 22 -1.75 -4.43 18.03
C GLN A 22 -0.38 -3.80 17.79
N LEU A 23 -0.21 -3.18 16.63
CA LEU A 23 1.06 -2.57 16.24
C LEU A 23 1.29 -1.21 16.90
N GLY A 24 0.33 -0.72 17.70
CA GLY A 24 0.51 0.49 18.49
C GLY A 24 0.08 1.77 17.81
N LEU A 25 -0.78 1.71 16.80
CA LEU A 25 -1.27 2.93 16.14
C LEU A 25 -2.52 3.42 16.85
N HIS A 26 -2.59 4.72 17.13
CA HIS A 26 -3.82 5.29 17.65
C HIS A 26 -4.90 5.16 16.57
N PRO A 27 -6.16 4.85 16.97
CA PRO A 27 -7.18 4.52 15.97
C PRO A 27 -7.89 5.70 15.33
N ASN A 28 -7.21 6.84 15.14
CA ASN A 28 -7.84 7.94 14.41
C ASN A 28 -7.62 7.80 12.91
N TRP A 29 -6.98 6.72 12.48
CA TRP A 29 -7.04 6.24 11.09
C TRP A 29 -7.56 4.82 11.18
N GLN A 30 -8.55 4.48 10.35
CA GLN A 30 -9.12 3.15 10.31
C GLN A 30 -9.37 2.76 8.87
N PHE A 31 -9.09 1.51 8.55
CA PHE A 31 -9.46 1.02 7.22
C PHE A 31 -10.96 0.87 7.10
N VAL A 32 -11.47 1.21 5.91
CA VAL A 32 -12.87 0.97 5.55
C VAL A 32 -12.86 0.24 4.24
N ASP A 33 -13.96 -0.46 3.97
CA ASP A 33 -14.16 -1.00 2.64
C ASP A 33 -14.34 0.11 1.62
N VAL A 34 -13.84 -0.08 0.40
CA VAL A 34 -14.24 0.75 -0.72
C VAL A 34 -15.22 -0.10 -1.51
N TYR A 35 -16.50 0.23 -1.47
CA TYR A 35 -17.49 -0.72 -1.94
C TYR A 35 -17.48 -0.88 -3.45
N GLY A 36 -16.99 0.11 -4.18
CA GLY A 36 -16.85 0.02 -5.62
C GLY A 36 -16.28 1.34 -6.09
N MET A 37 -16.07 1.41 -7.40
CA MET A 37 -15.43 2.56 -8.02
C MET A 37 -16.39 3.66 -8.37
N ASP A 38 -17.67 3.36 -8.44
CA ASP A 38 -18.65 4.37 -8.84
C ASP A 38 -18.59 5.55 -7.89
N PRO A 39 -18.74 6.77 -8.40
CA PRO A 39 -18.63 7.95 -7.50
C PRO A 39 -19.55 7.95 -6.29
N GLU A 40 -20.78 7.46 -6.37
CA GLU A 40 -21.62 7.49 -5.19
C GLU A 40 -21.15 6.49 -4.16
N LEU A 41 -20.36 5.47 -4.59
CA LEU A 41 -19.74 4.58 -3.62
C LEU A 41 -18.51 5.24 -2.99
N LEU A 42 -17.73 5.97 -3.80
CA LEU A 42 -16.60 6.70 -3.22
C LEU A 42 -17.07 7.67 -2.17
N SER A 43 -18.28 8.21 -2.33
CA SER A 43 -18.74 9.19 -1.36
C SER A 43 -18.97 8.60 0.01
N MET A 44 -19.09 7.26 0.11
CA MET A 44 -19.26 6.65 1.42
C MET A 44 -17.95 6.48 2.19
N VAL A 45 -16.79 6.65 1.53
CA VAL A 45 -15.48 6.54 2.17
C VAL A 45 -15.24 7.79 3.02
N PRO A 46 -15.01 7.68 4.33
CA PRO A 46 -14.71 8.88 5.12
C PRO A 46 -13.41 9.52 4.66
N ARG A 47 -13.37 10.85 4.73
CA ARG A 47 -12.18 11.61 4.32
C ARG A 47 -11.61 12.32 5.54
N PRO A 48 -10.31 12.63 5.55
CA PRO A 48 -9.34 12.27 4.47
C PRO A 48 -9.04 10.80 4.35
N VAL A 49 -8.49 10.44 3.18
CA VAL A 49 -7.94 9.11 2.87
C VAL A 49 -6.46 9.28 2.63
N CYS A 50 -5.62 8.39 3.22
CA CYS A 50 -4.19 8.50 2.96
C CYS A 50 -3.59 7.25 2.29
N ALA A 51 -4.38 6.19 2.07
CA ALA A 51 -3.83 5.04 1.35
C ALA A 51 -4.99 4.23 0.83
N VAL A 52 -4.78 3.57 -0.31
CA VAL A 52 -5.71 2.53 -0.80
C VAL A 52 -4.93 1.23 -0.95
N LEU A 53 -5.47 0.13 -0.40
CA LEU A 53 -4.94 -1.21 -0.63
C LEU A 53 -5.87 -1.94 -1.58
N LEU A 54 -5.29 -2.52 -2.62
CA LEU A 54 -6.04 -3.20 -3.70
C LEU A 54 -5.66 -4.67 -3.65
N LEU A 55 -6.65 -5.57 -3.68
CA LEU A 55 -6.45 -7.01 -3.68
C LEU A 55 -6.86 -7.58 -5.02
N PHE A 56 -6.02 -8.42 -5.60
CA PHE A 56 -6.33 -8.99 -6.92
C PHE A 56 -5.52 -10.27 -7.12
N PRO A 57 -5.97 -11.17 -7.99
CA PRO A 57 -5.24 -12.41 -8.19
C PRO A 57 -4.06 -12.26 -9.13
N ILE A 58 -2.98 -12.97 -8.82
CA ILE A 58 -1.82 -12.98 -9.71
C ILE A 58 -2.17 -13.84 -10.91
N THR A 59 -1.95 -13.32 -12.13
CA THR A 59 -2.29 -14.01 -13.38
C THR A 59 -1.10 -13.97 -14.32
N GLU A 60 -1.16 -14.80 -15.36
CA GLU A 60 -0.15 -14.72 -16.41
C GLU A 60 -0.07 -13.32 -17.02
N LYS A 61 -1.22 -12.65 -17.16
CA LYS A 61 -1.18 -11.27 -17.67
C LYS A 61 -0.39 -10.35 -16.75
N TYR A 62 -0.51 -10.53 -15.43
CA TYR A 62 0.28 -9.71 -14.52
C TYR A 62 1.76 -9.91 -14.76
N GLU A 63 2.20 -11.16 -14.93
CA GLU A 63 3.63 -11.39 -15.10
C GLU A 63 4.13 -10.81 -16.42
N VAL A 64 3.37 -11.00 -17.48
CA VAL A 64 3.79 -10.45 -18.77
C VAL A 64 3.80 -8.93 -18.75
N PHE A 65 2.72 -8.31 -18.24
CA PHE A 65 2.68 -6.86 -18.21
C PHE A 65 3.77 -6.29 -17.32
N ARG A 66 4.01 -6.90 -16.15
CA ARG A 66 4.98 -6.24 -15.29
C ARG A 66 6.37 -6.33 -15.90
N THR A 67 6.65 -7.41 -16.65
CA THR A 67 7.94 -7.47 -17.33
C THR A 67 8.09 -6.36 -18.35
N GLU A 68 7.00 -6.09 -19.09
CA GLU A 68 7.05 -5.00 -20.07
C GLU A 68 7.21 -3.65 -19.39
N GLU A 69 6.51 -3.45 -18.27
CA GLU A 69 6.57 -2.19 -17.55
C GLU A 69 7.96 -1.94 -16.98
N GLU A 70 8.60 -2.99 -16.48
CA GLU A 70 9.93 -2.84 -15.93
C GLU A 70 10.89 -2.40 -17.02
N GLU A 71 10.82 -3.03 -18.19
CA GLU A 71 11.67 -2.60 -19.30
C GLU A 71 11.41 -1.13 -19.68
N LYS A 72 10.13 -0.75 -19.76
CA LYS A 72 9.77 0.61 -20.13
C LYS A 72 10.37 1.60 -19.15
N ILE A 73 10.16 1.38 -17.85
CA ILE A 73 10.65 2.31 -16.83
C ILE A 73 12.18 2.36 -16.83
N LYS A 74 12.85 1.22 -16.98
CA LYS A 74 14.31 1.25 -17.03
C LYS A 74 14.79 2.08 -18.23
N SER A 75 14.06 2.01 -19.34
CA SER A 75 14.45 2.75 -20.53
C SER A 75 14.10 4.25 -20.43
N GLN A 76 12.86 4.60 -20.00
CA GLN A 76 12.48 6.00 -19.90
C GLN A 76 12.91 6.68 -18.63
N GLY A 77 13.11 5.94 -17.56
CA GLY A 77 13.26 6.55 -16.26
C GLY A 77 11.93 6.99 -15.68
N GLN A 78 11.90 7.17 -14.36
CA GLN A 78 10.74 7.74 -13.68
C GLN A 78 11.25 8.48 -12.45
N ASP A 79 10.40 9.28 -11.86
CA ASP A 79 10.76 10.03 -10.67
C ASP A 79 10.26 9.24 -9.46
N VAL A 80 11.18 8.76 -8.62
CA VAL A 80 10.80 8.15 -7.33
C VAL A 80 11.52 9.00 -6.29
N THR A 81 10.79 9.81 -5.52
CA THR A 81 11.45 10.71 -4.61
C THR A 81 12.06 9.92 -3.46
N SER A 82 13.11 10.51 -2.85
CA SER A 82 13.81 9.80 -1.79
C SER A 82 12.94 9.52 -0.58
N SER A 83 11.87 10.29 -0.36
CA SER A 83 10.98 10.04 0.78
C SER A 83 10.14 8.77 0.66
N VAL A 84 10.00 8.19 -0.53
CA VAL A 84 9.14 7.01 -0.67
C VAL A 84 9.77 5.86 0.08
N TYR A 85 8.98 5.17 0.90
CA TYR A 85 9.40 3.95 1.58
C TYR A 85 8.90 2.75 0.80
N PHE A 86 9.84 1.92 0.34
CA PHE A 86 9.51 0.77 -0.47
C PHE A 86 10.20 -0.45 0.11
N MET A 87 9.43 -1.53 0.28
CA MET A 87 9.95 -2.77 0.85
C MET A 87 9.73 -3.89 -0.16
N LYS A 88 10.78 -4.64 -0.50
CA LYS A 88 10.57 -5.76 -1.40
C LYS A 88 9.82 -6.89 -0.71
N GLN A 89 9.16 -7.74 -1.52
CA GLN A 89 8.47 -8.92 -1.02
C GLN A 89 9.31 -10.16 -1.33
N THR A 90 9.67 -10.90 -0.27
CA THR A 90 10.37 -12.17 -0.46
C THR A 90 9.57 -13.38 0.04
N ILE A 91 8.41 -13.17 0.63
CA ILE A 91 7.52 -14.22 1.15
C ILE A 91 6.11 -13.96 0.64
N SER A 92 5.54 -14.93 -0.09
CA SER A 92 4.25 -14.67 -0.75
C SER A 92 3.20 -14.25 0.26
N ASN A 93 3.03 -15.05 1.30
CA ASN A 93 1.87 -14.74 2.09
C ASN A 93 2.03 -13.44 2.85
N ALA A 94 3.18 -12.76 2.74
CA ALA A 94 3.41 -11.51 3.49
C ALA A 94 2.81 -10.27 2.80
N CYS A 95 2.20 -10.42 1.61
CA CYS A 95 1.82 -9.21 0.89
C CYS A 95 0.81 -8.32 1.62
N GLY A 96 -0.10 -8.88 2.43
CA GLY A 96 -1.02 -8.04 3.20
C GLY A 96 -0.28 -7.22 4.25
N THR A 97 0.57 -7.88 5.02
CA THR A 97 1.38 -7.15 6.01
C THR A 97 2.25 -6.11 5.34
N ILE A 98 2.87 -6.45 4.21
CA ILE A 98 3.66 -5.47 3.44
C ILE A 98 2.81 -4.30 2.97
N GLY A 99 1.60 -4.58 2.48
CA GLY A 99 0.71 -3.49 2.11
C GLY A 99 0.44 -2.54 3.27
N LEU A 100 0.11 -3.10 4.44
CA LEU A 100 -0.13 -2.25 5.61
C LEU A 100 1.10 -1.42 5.95
N ILE A 101 2.32 -2.04 5.93
CA ILE A 101 3.53 -1.28 6.23
C ILE A 101 3.73 -0.16 5.21
N HIS A 102 3.49 -0.45 3.91
CA HIS A 102 3.62 0.61 2.92
C HIS A 102 2.65 1.75 3.19
N ALA A 103 1.42 1.42 3.58
CA ALA A 103 0.43 2.47 3.89
C ALA A 103 0.88 3.32 5.07
N ILE A 104 1.41 2.71 6.13
CA ILE A 104 1.73 3.50 7.32
C ILE A 104 3.07 4.23 7.10
N ALA A 105 4.08 3.53 6.52
CA ALA A 105 5.42 4.13 6.38
C ALA A 105 5.38 5.42 5.56
N ASN A 106 4.54 5.44 4.53
CA ASN A 106 4.48 6.60 3.65
C ASN A 106 3.53 7.68 4.11
N ASN A 107 3.01 7.50 5.32
CA ASN A 107 2.12 8.47 5.94
C ASN A 107 2.50 8.67 7.39
N LYS A 108 3.80 8.45 7.72
CA LYS A 108 4.19 8.39 9.13
C LYS A 108 3.82 9.69 9.89
N ASP A 109 3.92 10.84 9.22
CA ASP A 109 3.71 12.09 9.95
C ASP A 109 2.25 12.42 10.20
N LYS A 110 1.33 11.65 9.58
CA LYS A 110 -0.08 11.75 9.85
C LYS A 110 -0.53 10.85 10.99
N MET A 111 0.33 9.98 11.46
CA MET A 111 0.01 8.88 12.35
C MET A 111 0.31 9.30 13.78
N HIS A 112 -0.44 8.72 14.71
CA HIS A 112 -0.15 8.86 16.13
C HIS A 112 0.25 7.48 16.64
N PHE A 113 1.51 7.30 17.07
CA PHE A 113 1.98 6.01 17.62
C PHE A 113 1.95 5.98 19.16
N GLU A 114 1.35 4.91 19.73
CA GLU A 114 1.44 4.69 21.19
C GLU A 114 2.88 4.52 21.62
N SER A 115 3.12 4.71 22.93
CA SER A 115 4.48 4.66 23.45
C SER A 115 5.35 3.49 23.00
N GLY A 116 5.03 2.26 23.41
CA GLY A 116 5.86 1.15 22.98
C GLY A 116 5.46 0.54 21.65
N SER A 117 4.95 1.35 20.71
CA SER A 117 4.47 0.83 19.42
C SER A 117 5.54 0.00 18.73
N THR A 118 5.18 -1.24 18.36
CA THR A 118 6.16 -2.06 17.63
C THR A 118 6.34 -1.60 16.19
N LEU A 119 5.28 -1.12 15.53
CA LEU A 119 5.48 -0.67 14.17
C LEU A 119 6.30 0.61 14.13
N LYS A 120 6.15 1.47 15.14
CA LYS A 120 6.95 2.68 15.19
C LYS A 120 8.43 2.33 15.25
N LYS A 121 8.74 1.37 16.11
CA LYS A 121 10.11 0.88 16.23
C LYS A 121 10.60 0.37 14.89
N PHE A 122 9.79 -0.49 14.24
CA PHE A 122 10.21 -1.07 12.97
C PHE A 122 10.49 0.02 11.93
N LEU A 123 9.61 1.02 11.85
CA LEU A 123 9.76 2.12 10.91
C LEU A 123 11.02 2.95 11.19
N GLU A 124 11.26 3.31 12.46
CA GLU A 124 12.43 4.11 12.79
C GLU A 124 13.70 3.35 12.41
N GLU A 125 13.69 2.03 12.58
CA GLU A 125 14.89 1.26 12.31
C GLU A 125 15.10 0.98 10.82
N SER A 126 14.06 1.09 10.02
CA SER A 126 14.13 0.70 8.61
C SER A 126 14.04 1.88 7.66
N VAL A 127 14.03 3.10 8.16
CA VAL A 127 13.82 4.26 7.30
C VAL A 127 15.01 4.45 6.35
N SER A 128 16.23 4.09 6.76
CA SER A 128 17.40 4.22 5.92
C SER A 128 17.78 2.92 5.20
N MET A 129 17.09 1.82 5.45
CA MET A 129 17.39 0.55 4.79
C MET A 129 17.05 0.55 3.31
N SER A 130 17.77 -0.29 2.56
CA SER A 130 17.35 -0.59 1.21
C SER A 130 16.06 -1.39 1.22
N PRO A 131 15.34 -1.44 0.08
CA PRO A 131 14.15 -2.29 0.02
C PRO A 131 14.44 -3.75 0.35
N GLU A 132 15.58 -4.26 -0.12
CA GLU A 132 16.00 -5.64 0.16
C GLU A 132 16.26 -5.84 1.65
N GLU A 133 16.96 -4.87 2.29
CA GLU A 133 17.20 -4.97 3.73
C GLU A 133 15.90 -4.90 4.51
N ARG A 134 14.96 -4.07 4.08
CA ARG A 134 13.65 -4.01 4.74
C ARG A 134 12.93 -5.36 4.71
N ALA A 135 13.00 -6.06 3.58
CA ALA A 135 12.41 -7.40 3.48
C ALA A 135 13.08 -8.36 4.48
N ARG A 136 14.41 -8.31 4.56
CA ARG A 136 15.10 -9.22 5.47
C ARG A 136 14.74 -8.90 6.91
N TYR A 137 14.68 -7.61 7.24
CA TYR A 137 14.34 -7.25 8.62
C TYR A 137 12.91 -7.69 8.95
N LEU A 138 11.98 -7.51 8.02
CA LEU A 138 10.61 -7.95 8.27
C LEU A 138 10.59 -9.43 8.60
N GLU A 139 11.35 -10.20 7.83
CA GLU A 139 11.44 -11.64 8.07
C GLU A 139 11.88 -11.90 9.51
N ASN A 140 12.83 -11.08 10.03
CA ASN A 140 13.37 -11.25 11.39
C ASN A 140 12.43 -10.77 12.50
N TYR A 141 11.55 -9.81 12.23
CA TYR A 141 10.88 -8.99 13.26
C TYR A 141 9.65 -9.71 13.81
N ASP A 142 9.84 -10.50 14.88
CA ASP A 142 8.77 -11.35 15.39
C ASP A 142 7.57 -10.55 15.92
N ALA A 143 7.77 -9.30 16.34
CA ALA A 143 6.65 -8.56 16.88
C ALA A 143 5.65 -8.12 15.81
N ILE A 144 6.00 -8.24 14.52
CA ILE A 144 5.08 -7.88 13.45
C ILE A 144 4.11 -9.01 13.14
N ARG A 145 4.29 -10.17 13.75
CA ARG A 145 3.35 -11.27 13.57
C ARG A 145 1.95 -10.87 14.03
N VAL A 146 0.94 -11.35 13.31
CA VAL A 146 -0.46 -11.17 13.69
C VAL A 146 -0.85 -11.97 14.92
N LEU A 168 -5.41 -12.55 -4.71
CA LEU A 168 -4.48 -13.23 -3.83
C LEU A 168 -3.28 -12.33 -3.50
N HIS A 169 -3.09 -11.20 -4.19
CA HIS A 169 -2.00 -10.25 -3.95
C HIS A 169 -2.56 -8.88 -3.50
N PHE A 170 -1.78 -8.17 -2.69
CA PHE A 170 -2.14 -6.84 -2.20
C PHE A 170 -1.13 -5.84 -2.73
N ILE A 171 -1.59 -4.68 -3.20
CA ILE A 171 -0.66 -3.56 -3.43
C ILE A 171 -1.20 -2.31 -2.74
N ALA A 172 -0.31 -1.30 -2.58
CA ALA A 172 -0.68 -0.04 -1.91
C ALA A 172 -0.54 1.13 -2.87
N LEU A 173 -1.47 2.08 -2.76
CA LEU A 173 -1.46 3.34 -3.50
C LEU A 173 -1.41 4.46 -2.48
N VAL A 174 -0.41 5.34 -2.62
CA VAL A 174 -0.21 6.45 -1.68
C VAL A 174 0.19 7.70 -2.43
N HIS A 175 0.14 8.83 -1.73
CA HIS A 175 0.62 10.10 -2.24
C HIS A 175 1.91 10.47 -1.52
N VAL A 176 2.97 10.76 -2.28
CA VAL A 176 4.21 11.26 -1.69
C VAL A 176 4.75 12.38 -2.56
N ASP A 177 4.93 13.58 -1.99
CA ASP A 177 5.64 14.67 -2.66
C ASP A 177 5.00 14.98 -4.01
N GLY A 178 3.68 14.98 -4.06
CA GLY A 178 3.00 15.38 -5.25
C GLY A 178 2.76 14.32 -6.27
N HIS A 179 3.15 13.06 -6.03
CA HIS A 179 2.96 11.99 -6.99
C HIS A 179 2.23 10.82 -6.35
N LEU A 180 1.56 10.05 -7.21
CA LEU A 180 0.83 8.86 -6.82
C LEU A 180 1.72 7.66 -7.06
N TYR A 181 2.08 6.95 -5.99
CA TYR A 181 2.95 5.79 -6.09
C TYR A 181 2.20 4.51 -5.82
N GLU A 182 2.42 3.54 -6.72
CA GLU A 182 2.02 2.16 -6.53
C GLU A 182 3.17 1.42 -5.87
N LEU A 183 2.90 0.70 -4.78
CA LEU A 183 3.94 -0.01 -4.01
C LEU A 183 3.58 -1.48 -4.04
N ASP A 184 4.28 -2.25 -4.88
CA ASP A 184 4.09 -3.67 -5.07
C ASP A 184 5.46 -4.29 -4.87
N GLY A 185 5.65 -5.01 -3.77
CA GLY A 185 6.93 -5.57 -3.42
C GLY A 185 7.44 -6.63 -4.38
N ARG A 186 6.57 -7.14 -5.25
CA ARG A 186 7.07 -8.05 -6.27
C ARG A 186 7.76 -7.32 -7.42
N LYS A 187 7.58 -6.01 -7.51
CA LYS A 187 8.25 -5.23 -8.55
C LYS A 187 9.55 -4.66 -8.03
N PRO A 188 10.43 -4.20 -8.93
CA PRO A 188 11.76 -3.78 -8.48
C PRO A 188 11.79 -2.40 -7.86
N PHE A 189 10.70 -1.65 -7.91
CA PHE A 189 10.67 -0.26 -7.45
C PHE A 189 9.22 0.19 -7.35
N PRO A 190 8.96 1.28 -6.63
CA PRO A 190 7.67 1.97 -6.77
C PRO A 190 7.37 2.32 -8.21
N ILE A 191 6.08 2.48 -8.51
CA ILE A 191 5.66 2.92 -9.85
C ILE A 191 4.98 4.29 -9.68
N ASN A 192 5.49 5.30 -10.39
CA ASN A 192 4.90 6.64 -10.37
C ASN A 192 3.76 6.70 -11.40
N HIS A 193 2.54 6.99 -10.95
CA HIS A 193 1.36 7.06 -11.81
C HIS A 193 0.89 8.48 -12.09
N GLY A 194 1.68 9.49 -11.78
CA GLY A 194 1.30 10.85 -12.12
C GLY A 194 1.06 11.69 -10.88
N GLU A 195 0.56 12.91 -11.10
CA GLU A 195 0.37 13.88 -10.01
C GLU A 195 -0.84 13.50 -9.18
N THR A 196 -0.74 13.77 -7.86
CA THR A 196 -1.89 13.66 -6.98
C THR A 196 -1.62 14.54 -5.77
N SER A 197 -2.58 14.52 -4.83
CA SER A 197 -2.45 15.30 -3.61
C SER A 197 -3.13 14.53 -2.51
N ASP A 198 -2.93 14.97 -1.26
CA ASP A 198 -3.60 14.24 -0.18
C ASP A 198 -5.11 14.30 -0.36
N GLU A 199 -5.62 15.46 -0.79
CA GLU A 199 -7.06 15.71 -0.90
C GLU A 199 -7.70 14.91 -2.02
N THR A 200 -6.96 14.62 -3.11
CA THR A 200 -7.57 13.91 -4.23
C THR A 200 -7.07 12.48 -4.35
N LEU A 201 -6.41 11.97 -3.30
CA LEU A 201 -5.80 10.64 -3.41
C LEU A 201 -6.81 9.54 -3.70
N LEU A 202 -7.96 9.53 -3.01
CA LEU A 202 -8.90 8.43 -3.26
C LEU A 202 -9.31 8.39 -4.73
N GLU A 203 -9.77 9.52 -5.30
CA GLU A 203 -10.23 9.53 -6.68
C GLU A 203 -9.11 9.18 -7.65
N ASP A 204 -7.92 9.73 -7.41
CA ASP A 204 -6.81 9.48 -8.31
C ASP A 204 -6.37 8.02 -8.22
N ALA A 205 -6.41 7.43 -7.01
CA ALA A 205 -6.07 6.03 -6.88
C ALA A 205 -7.07 5.16 -7.60
N ILE A 206 -8.38 5.49 -7.46
CA ILE A 206 -9.41 4.75 -8.19
C ILE A 206 -9.19 4.84 -9.71
N GLU A 207 -8.77 6.00 -10.22
CA GLU A 207 -8.46 6.06 -11.67
C GLU A 207 -7.32 5.10 -12.02
N VAL A 208 -6.32 4.97 -11.15
CA VAL A 208 -5.26 4.01 -11.41
C VAL A 208 -5.79 2.59 -11.35
N CYS A 209 -6.70 2.31 -10.42
CA CYS A 209 -7.31 0.96 -10.40
C CYS A 209 -8.05 0.66 -11.67
N LYS A 210 -8.74 1.66 -12.24
CA LYS A 210 -9.43 1.42 -13.52
C LYS A 210 -8.43 1.08 -14.61
N LYS A 211 -7.28 1.78 -14.58
CA LYS A 211 -6.20 1.46 -15.54
C LYS A 211 -5.74 0.03 -15.36
N PHE A 212 -5.50 -0.37 -14.10
CA PHE A 212 -5.05 -1.73 -13.82
C PHE A 212 -6.02 -2.74 -14.41
N MET A 213 -7.32 -2.53 -14.16
CA MET A 213 -8.31 -3.52 -14.57
C MET A 213 -8.42 -3.60 -16.07
N GLU A 214 -8.08 -2.52 -16.81
CA GLU A 214 -8.04 -2.62 -18.26
C GLU A 214 -6.94 -3.55 -18.78
N ARG A 215 -5.98 -3.93 -17.94
CA ARG A 215 -4.93 -4.82 -18.36
C ARG A 215 -5.41 -6.24 -18.50
N ASP A 216 -6.56 -6.58 -17.93
CA ASP A 216 -7.10 -7.93 -18.06
C ASP A 216 -8.57 -7.91 -18.47
N PRO A 217 -8.90 -8.45 -19.66
CA PRO A 217 -10.30 -8.76 -19.98
C PRO A 217 -10.97 -9.68 -18.93
N LEU A 220 -12.90 -8.56 -13.96
CA LEU A 220 -12.87 -9.25 -12.70
C LEU A 220 -13.58 -8.41 -11.61
N ARG A 221 -13.27 -8.74 -10.37
CA ARG A 221 -13.92 -8.15 -9.21
C ARG A 221 -13.02 -7.09 -8.60
N PHE A 222 -13.64 -6.06 -8.06
CA PHE A 222 -12.94 -4.98 -7.39
C PHE A 222 -12.99 -5.19 -5.88
N ASN A 223 -11.82 -5.12 -5.25
CA ASN A 223 -11.67 -5.52 -3.86
C ASN A 223 -10.63 -4.59 -3.24
N ALA A 224 -11.08 -3.59 -2.46
CA ALA A 224 -10.15 -2.60 -1.97
C ALA A 224 -10.60 -2.12 -0.61
N ILE A 225 -9.61 -1.65 0.15
CA ILE A 225 -9.86 -0.96 1.41
C ILE A 225 -9.11 0.37 1.40
N ALA A 226 -9.60 1.34 2.17
CA ALA A 226 -9.01 2.67 2.21
C ALA A 226 -8.68 3.04 3.65
N LEU A 227 -7.52 3.64 3.87
CA LEU A 227 -7.12 4.07 5.21
C LEU A 227 -7.66 5.47 5.40
N SER A 228 -8.72 5.62 6.24
CA SER A 228 -9.56 6.79 6.29
C SER A 228 -9.53 7.38 7.70
N ALA A 229 -9.70 8.68 7.75
CA ALA A 229 -9.82 9.33 9.06
C ALA A 229 -10.99 8.71 9.87
N ALA A 230 -10.80 8.64 11.18
CA ALA A 230 -11.87 8.14 12.07
C ALA A 230 -11.94 8.99 13.34
#